data_2C3I
#
_entry.id   2C3I
#
_cell.length_a   98.439
_cell.length_b   98.439
_cell.length_c   80.843
_cell.angle_alpha   90.00
_cell.angle_beta   90.00
_cell.angle_gamma   120.00
#
_symmetry.space_group_name_H-M   'P 65'
#
loop_
_entity.id
_entity.type
_entity.pdbx_description
1 polymer PIMTIDE
2 polymer 'PROTO-ONCOGENE SERINE THREONINE PROTEIN KINASE PIM1'
3 non-polymer 1-(3-{6-[(CYCLOPROPYLMETHYL)AMINO]IMIDAZO[1,2-B]PYRIDAZIN-3-YL}PHENYL)ETHANONE
4 water water
#
loop_
_entity_poly.entity_id
_entity_poly.type
_entity_poly.pdbx_seq_one_letter_code
_entity_poly.pdbx_strand_id
1 'polypeptide(L)' KRRRHPSG A
2 'polypeptide(L)'
;MLLSKINSLAHLRAAPCNDLHATKLAPGKEKEPLESQYQVGPLLGSGGFGSVYSGIRVSDNLPVAIKHVEKDRISDWGEL
PNGTRVPMEVVLLKKVSSGFSGVIRLLDWFERPDSFVLILERPEPVQDLFDFITERGALQEELARSFFWQVLEAVRHCHN
CGVLHRDIKDENILIDLNRGELKLIDFGSGALLKDTVYTDFDGTRVYSPPEWIRYHRYHGRSAAVWSLGILLYDMVCGDI
PFEHDEEIIGGQVFFRQRVSSECQHLIRWCLALRPSDRPTFEEIQNHPWMQDVLLPQETAEIHLHSLSPGPSK
;
B
#
loop_
_chem_comp.id
_chem_comp.type
_chem_comp.name
_chem_comp.formula
IYZ non-polymer 1-(3-{6-[(CYCLOPROPYLMETHYL)AMINO]IMIDAZO[1,2-B]PYRIDAZIN-3-YL}PHENYL)ETHANONE 'C18 H18 N4 O'
#
# COMPACT_ATOMS: atom_id res chain seq x y z
N LYS A 1 4.24 -11.95 18.25
CA LYS A 1 3.08 -12.38 17.43
C LYS A 1 2.86 -11.45 16.22
N ARG A 2 2.86 -10.14 16.38
CA ARG A 2 2.69 -9.23 15.22
C ARG A 2 4.04 -8.71 14.72
N ARG A 3 4.27 -8.86 13.42
CA ARG A 3 5.54 -8.43 12.86
C ARG A 3 5.41 -7.92 11.45
N ARG A 4 6.43 -7.20 11.02
CA ARG A 4 6.56 -6.73 9.66
C ARG A 4 7.00 -7.90 8.82
N HIS A 5 6.70 -7.84 7.52
CA HIS A 5 7.14 -8.85 6.59
C HIS A 5 7.82 -8.18 5.40
N PRO A 6 9.15 -8.27 5.31
CA PRO A 6 9.81 -7.67 4.17
C PRO A 6 9.38 -8.26 2.83
N SER A 7 9.42 -7.44 1.81
CA SER A 7 9.10 -7.87 0.46
C SER A 7 10.11 -8.91 -0.02
N GLY A 8 9.75 -9.70 -1.05
CA GLY A 8 10.69 -10.60 -1.74
C GLY A 8 10.85 -11.97 -1.11
N GLN B 37 20.28 21.85 -2.47
CA GLN B 37 18.81 22.02 -2.74
C GLN B 37 17.91 21.32 -1.71
N TYR B 38 18.39 20.21 -1.14
CA TYR B 38 17.67 19.53 -0.04
C TYR B 38 18.59 19.43 1.15
N GLN B 39 18.06 19.70 2.33
CA GLN B 39 18.84 19.56 3.53
C GLN B 39 18.47 18.24 4.17
N VAL B 40 19.42 17.32 4.26
CA VAL B 40 19.15 15.96 4.70
C VAL B 40 19.07 15.81 6.23
N GLY B 41 17.93 15.32 6.72
CA GLY B 41 17.76 15.06 8.13
C GLY B 41 18.02 13.61 8.44
N PRO B 42 17.49 13.12 9.56
CA PRO B 42 17.75 11.75 10.00
C PRO B 42 17.19 10.64 9.06
N LEU B 43 17.76 9.46 9.19
CA LEU B 43 17.32 8.28 8.52
C LEU B 43 16.00 7.78 9.11
N LEU B 44 15.00 7.59 8.26
CA LEU B 44 13.67 7.15 8.72
C LEU B 44 13.60 5.66 8.75
N GLY B 45 14.36 5.00 7.88
CA GLY B 45 14.32 3.56 7.79
C GLY B 45 15.02 3.05 6.57
N SER B 46 15.25 1.76 6.55
CA SER B 46 15.87 1.16 5.42
C SER B 46 15.42 -0.27 5.30
N GLY B 47 15.51 -0.80 4.09
CA GLY B 47 15.28 -2.21 3.86
C GLY B 47 15.35 -2.53 2.39
N GLY B 48 14.49 -3.46 1.96
CA GLY B 48 14.50 -3.91 0.57
C GLY B 48 14.22 -2.79 -0.39
N PHE B 49 13.51 -1.78 0.09
CA PHE B 49 13.21 -0.58 -0.68
C PHE B 49 14.36 0.45 -0.79
N GLY B 50 15.47 0.22 -0.09
CA GLY B 50 16.56 1.21 -0.03
C GLY B 50 16.69 1.92 1.34
N SER B 51 17.17 3.16 1.35
CA SER B 51 17.31 3.91 2.59
C SER B 51 16.60 5.23 2.46
N VAL B 52 15.70 5.53 3.40
CA VAL B 52 14.83 6.68 3.32
C VAL B 52 15.16 7.67 4.46
N TYR B 53 15.43 8.93 4.09
CA TYR B 53 15.82 10.01 5.00
C TYR B 53 14.79 11.12 5.01
N SER B 54 14.62 11.74 6.17
CA SER B 54 13.87 12.97 6.26
C SER B 54 14.67 14.08 5.63
N GLY B 55 13.99 15.08 5.10
CA GLY B 55 14.65 16.13 4.34
C GLY B 55 13.79 17.36 4.28
N ILE B 56 14.39 18.48 3.91
CA ILE B 56 13.61 19.69 3.65
C ILE B 56 14.13 20.35 2.38
N ARG B 57 13.23 20.79 1.52
CA ARG B 57 13.64 21.48 0.32
C ARG B 57 14.04 22.89 0.74
N VAL B 58 15.27 23.29 0.40
CA VAL B 58 15.84 24.57 0.88
C VAL B 58 15.07 25.77 0.31
N SER B 59 14.86 25.71 -1.00
CA SER B 59 14.05 26.65 -1.76
C SER B 59 12.73 27.11 -1.09
N ASP B 60 12.13 26.31 -0.22
CA ASP B 60 10.88 26.74 0.48
C ASP B 60 10.49 25.93 1.71
N ASN B 61 11.45 25.24 2.29
CA ASN B 61 11.26 24.44 3.51
C ASN B 61 10.09 23.39 3.48
N LEU B 62 9.74 22.94 2.27
CA LEU B 62 8.78 21.85 2.09
C LEU B 62 9.37 20.55 2.62
N PRO B 63 8.67 19.89 3.54
CA PRO B 63 9.11 18.56 4.00
C PRO B 63 9.13 17.53 2.86
N VAL B 64 10.22 16.79 2.77
CA VAL B 64 10.38 15.74 1.80
C VAL B 64 10.96 14.51 2.46
N ALA B 65 10.87 13.41 1.73
CA ALA B 65 11.60 12.21 2.00
C ALA B 65 12.57 11.96 0.85
N ILE B 66 13.76 11.53 1.21
CA ILE B 66 14.87 11.29 0.28
C ILE B 66 15.25 9.82 0.33
N LYS B 67 15.06 9.15 -0.79
CA LYS B 67 15.14 7.72 -0.89
C LYS B 67 16.25 7.29 -1.83
N HIS B 68 17.13 6.48 -1.31
CA HIS B 68 18.32 6.05 -2.02
C HIS B 68 18.17 4.57 -2.32
N VAL B 69 18.39 4.18 -3.58
CA VAL B 69 18.47 2.75 -3.92
C VAL B 69 19.72 2.51 -4.76
N GLU B 70 20.46 1.46 -4.43
CA GLU B 70 21.67 1.15 -5.18
C GLU B 70 21.23 0.42 -6.44
N LYS B 71 21.91 0.68 -7.54
CA LYS B 71 21.58 0.09 -8.83
C LYS B 71 21.68 -1.42 -8.84
N ASP B 72 22.70 -1.97 -8.18
CA ASP B 72 22.86 -3.42 -8.07
C ASP B 72 21.66 -4.05 -7.39
N ARG B 73 21.06 -3.33 -6.46
CA ARG B 73 19.92 -3.86 -5.72
C ARG B 73 18.62 -3.81 -6.54
N ILE B 74 18.54 -2.94 -7.56
CA ILE B 74 17.35 -2.86 -8.43
C ILE B 74 17.29 -3.95 -9.48
N SER B 75 16.15 -4.63 -9.61
CA SER B 75 15.98 -5.66 -10.67
C SER B 75 15.07 -5.23 -11.83
N ASP B 76 14.01 -4.46 -11.53
CA ASP B 76 13.02 -4.07 -12.53
C ASP B 76 13.27 -2.65 -13.02
N TRP B 77 13.68 -2.54 -14.27
CA TRP B 77 14.00 -1.26 -14.88
C TRP B 77 12.91 -0.86 -15.85
N GLY B 78 12.99 0.37 -16.36
CA GLY B 78 11.98 0.93 -17.27
C GLY B 78 12.54 2.08 -18.10
N GLU B 79 11.72 2.64 -18.97
CA GLU B 79 12.16 3.73 -19.87
C GLU B 79 11.58 5.05 -19.42
N GLY B 83 14.53 10.28 -21.28
CA GLY B 83 15.62 9.84 -20.40
C GLY B 83 16.05 8.41 -20.73
N THR B 84 16.67 7.74 -19.77
CA THR B 84 17.26 6.41 -20.02
C THR B 84 16.51 5.28 -19.29
N ARG B 85 17.28 4.22 -18.99
CA ARG B 85 16.91 3.19 -18.03
C ARG B 85 16.78 3.86 -16.65
N VAL B 86 15.57 3.89 -16.11
CA VAL B 86 15.37 4.29 -14.74
C VAL B 86 14.81 3.11 -14.03
N PRO B 87 14.87 3.13 -12.70
CA PRO B 87 14.15 2.11 -12.02
C PRO B 87 12.62 2.24 -12.27
N MET B 88 11.95 1.09 -12.32
CA MET B 88 10.50 1.03 -12.54
C MET B 88 9.74 1.95 -11.57
N GLU B 89 10.19 2.05 -10.30
CA GLU B 89 9.51 2.95 -9.36
C GLU B 89 9.37 4.36 -9.94
N VAL B 90 10.41 4.84 -10.65
CA VAL B 90 10.37 6.19 -11.22
C VAL B 90 9.33 6.26 -12.35
N VAL B 91 9.30 5.26 -13.23
CA VAL B 91 8.31 5.25 -14.30
C VAL B 91 6.89 5.30 -13.71
N LEU B 92 6.67 4.45 -12.71
CA LEU B 92 5.33 4.26 -12.15
C LEU B 92 4.95 5.51 -11.39
N LEU B 93 5.87 6.05 -10.61
CA LEU B 93 5.57 7.26 -9.85
C LEU B 93 5.21 8.46 -10.75
N LYS B 94 5.89 8.58 -11.86
CA LYS B 94 5.56 9.65 -12.80
C LYS B 94 4.21 9.44 -13.42
N LYS B 95 3.81 8.19 -13.64
CA LYS B 95 2.48 7.93 -14.18
C LYS B 95 1.38 8.34 -13.20
N VAL B 96 1.65 8.23 -11.90
CA VAL B 96 0.63 8.50 -10.89
C VAL B 96 0.76 9.81 -10.09
N SER B 97 1.83 10.57 -10.31
CA SER B 97 2.12 11.72 -9.44
C SER B 97 1.52 13.01 -9.96
N SER B 98 0.74 12.93 -11.04
CA SER B 98 0.10 14.12 -11.53
C SER B 98 -1.28 14.24 -10.90
N GLY B 99 -1.56 15.46 -10.46
CA GLY B 99 -2.77 15.76 -9.72
C GLY B 99 -2.66 15.33 -8.27
N PHE B 100 -3.57 15.85 -7.45
CA PHE B 100 -3.71 15.41 -6.07
C PHE B 100 -4.21 13.94 -6.04
N SER B 101 -3.74 13.16 -5.08
CA SER B 101 -4.32 11.83 -4.82
C SER B 101 -3.82 11.27 -3.47
N GLY B 102 -4.26 10.07 -3.15
CA GLY B 102 -3.76 9.33 -2.01
C GLY B 102 -2.52 8.57 -2.34
N VAL B 103 -1.70 9.11 -3.23
CA VAL B 103 -0.38 8.51 -3.50
C VAL B 103 0.70 9.56 -3.17
N ILE B 104 1.75 9.13 -2.47
CA ILE B 104 2.88 10.03 -2.14
C ILE B 104 3.57 10.39 -3.46
N ARG B 105 3.75 11.67 -3.70
N ARG B 105 3.68 11.67 -3.78
CA ARG B 105 4.16 12.14 -5.02
CA ARG B 105 4.15 12.01 -5.11
C ARG B 105 5.68 12.25 -5.18
C ARG B 105 5.66 12.22 -5.20
N LEU B 106 6.17 11.92 -6.37
CA LEU B 106 7.58 12.07 -6.70
C LEU B 106 7.81 13.52 -7.11
N LEU B 107 8.67 14.22 -6.38
CA LEU B 107 8.98 15.62 -6.66
C LEU B 107 10.18 15.76 -7.59
N ASP B 108 11.12 14.83 -7.50
CA ASP B 108 12.28 14.84 -8.38
C ASP B 108 13.06 13.56 -8.16
N TRP B 109 14.03 13.30 -9.04
CA TRP B 109 14.96 12.19 -8.92
C TRP B 109 16.30 12.49 -9.61
N PHE B 110 17.34 11.75 -9.23
CA PHE B 110 18.74 11.98 -9.66
C PHE B 110 19.37 10.64 -9.81
N GLU B 111 20.18 10.50 -10.83
CA GLU B 111 21.01 9.34 -10.95
C GLU B 111 22.42 9.68 -10.43
N ARG B 112 22.98 8.72 -9.70
CA ARG B 112 24.36 8.75 -9.31
C ARG B 112 25.03 7.55 -9.93
N PRO B 113 26.37 7.46 -9.80
CA PRO B 113 27.05 6.30 -10.36
C PRO B 113 26.60 4.94 -9.88
N ASP B 114 26.34 4.81 -8.58
CA ASP B 114 25.98 3.50 -7.99
C ASP B 114 24.50 3.40 -7.54
N SER B 115 23.78 4.51 -7.65
CA SER B 115 22.45 4.60 -7.07
C SER B 115 21.53 5.65 -7.73
N PHE B 116 20.23 5.50 -7.45
CA PHE B 116 19.24 6.52 -7.74
C PHE B 116 18.73 7.16 -6.46
N VAL B 117 18.42 8.43 -6.53
CA VAL B 117 17.87 9.15 -5.40
C VAL B 117 16.54 9.72 -5.79
N LEU B 118 15.51 9.44 -5.00
CA LEU B 118 14.16 9.93 -5.27
C LEU B 118 13.78 10.89 -4.18
N ILE B 119 13.20 12.03 -4.56
CA ILE B 119 12.66 12.98 -3.67
C ILE B 119 11.14 12.89 -3.72
N LEU B 120 10.56 12.58 -2.57
CA LEU B 120 9.12 12.31 -2.42
C LEU B 120 8.51 13.26 -1.39
N GLU B 121 7.17 13.45 -1.46
CA GLU B 121 6.47 14.23 -0.44
C GLU B 121 6.61 13.55 0.89
N ARG B 122 6.60 14.35 1.94
CA ARG B 122 6.59 13.84 3.29
C ARG B 122 5.52 14.59 4.07
N PRO B 123 4.44 13.92 4.42
CA PRO B 123 3.49 14.54 5.34
C PRO B 123 4.08 14.71 6.72
N GLU B 124 3.54 15.65 7.46
CA GLU B 124 4.06 15.98 8.78
C GLU B 124 2.93 16.54 9.64
N PRO B 125 2.61 15.86 10.72
CA PRO B 125 3.15 14.58 11.08
C PRO B 125 2.33 13.38 10.62
N VAL B 126 2.89 12.20 10.75
CA VAL B 126 2.95 11.14 9.72
C VAL B 126 3.19 9.93 10.61
N GLN B 127 2.38 8.89 10.47
CA GLN B 127 2.71 7.57 11.05
C GLN B 127 2.31 6.51 10.02
N ASP B 128 3.09 5.45 9.87
CA ASP B 128 2.65 4.40 9.00
C ASP B 128 1.53 3.57 9.65
N LEU B 129 0.67 3.02 8.78
CA LEU B 129 -0.45 2.24 9.23
C LEU B 129 -0.03 1.00 10.02
N PHE B 130 1.07 0.34 9.69
CA PHE B 130 1.51 -0.82 10.49
C PHE B 130 1.69 -0.43 11.98
N ASP B 131 2.42 0.64 12.22
CA ASP B 131 2.63 1.11 13.58
C ASP B 131 1.37 1.65 14.26
N PHE B 132 0.52 2.35 13.51
CA PHE B 132 -0.77 2.81 14.07
C PHE B 132 -1.54 1.61 14.59
N ILE B 133 -1.57 0.52 13.84
CA ILE B 133 -2.36 -0.66 14.21
C ILE B 133 -1.72 -1.38 15.41
N THR B 134 -0.41 -1.53 15.40
CA THR B 134 0.32 -2.11 16.52
C THR B 134 -0.01 -1.33 17.81
N GLU B 135 -0.02 -0.02 17.73
N GLU B 135 0.07 -0.01 17.72
CA GLU B 135 -0.23 0.81 18.93
CA GLU B 135 -0.23 0.91 18.82
C GLU B 135 -1.69 0.93 19.34
C GLU B 135 -1.67 0.77 19.31
N ARG B 136 -2.62 0.87 18.39
CA ARG B 136 -4.01 0.97 18.74
C ARG B 136 -4.81 -0.30 18.79
N GLY B 137 -4.20 -1.40 18.34
CA GLY B 137 -4.91 -2.66 18.17
C GLY B 137 -5.97 -2.59 17.07
N ALA B 138 -6.85 -3.59 17.04
CA ALA B 138 -7.99 -3.62 16.10
C ALA B 138 -8.70 -2.26 16.04
N LEU B 139 -8.97 -1.78 14.83
CA LEU B 139 -9.57 -0.48 14.65
C LEU B 139 -11.05 -0.56 14.75
N GLN B 140 -11.68 0.46 15.36
CA GLN B 140 -13.13 0.59 15.26
C GLN B 140 -13.56 0.56 13.79
N GLU B 141 -14.70 -0.08 13.53
CA GLU B 141 -15.18 -0.23 12.16
C GLU B 141 -15.35 1.10 11.40
N GLU B 142 -15.76 2.16 12.10
CA GLU B 142 -15.91 3.46 11.43
C GLU B 142 -14.56 3.97 10.88
N LEU B 143 -13.52 3.74 11.65
CA LEU B 143 -12.22 4.15 11.27
C LEU B 143 -11.66 3.25 10.17
N ALA B 144 -11.79 1.95 10.32
CA ALA B 144 -11.35 1.02 9.29
C ALA B 144 -12.03 1.34 7.94
N ARG B 145 -13.32 1.68 7.98
CA ARG B 145 -14.07 2.04 6.78
C ARG B 145 -13.50 3.29 6.11
N SER B 146 -13.22 4.32 6.89
CA SER B 146 -12.64 5.52 6.35
C SER B 146 -11.25 5.24 5.72
N PHE B 147 -10.38 4.51 6.44
CA PHE B 147 -9.07 4.16 5.93
C PHE B 147 -9.19 3.27 4.66
N PHE B 148 -9.97 2.22 4.78
CA PHE B 148 -10.13 1.27 3.65
C PHE B 148 -10.65 1.98 2.39
N TRP B 149 -11.68 2.81 2.56
CA TRP B 149 -12.19 3.63 1.43
C TRP B 149 -11.09 4.44 0.75
N GLN B 150 -10.29 5.16 1.52
CA GLN B 150 -9.20 5.95 0.97
C GLN B 150 -8.18 5.10 0.25
N VAL B 151 -7.94 3.90 0.76
CA VAL B 151 -6.97 3.03 0.08
C VAL B 151 -7.50 2.59 -1.27
N LEU B 152 -8.78 2.20 -1.26
CA LEU B 152 -9.47 1.85 -2.52
C LEU B 152 -9.46 2.96 -3.57
N GLU B 153 -9.71 4.20 -3.14
CA GLU B 153 -9.62 5.30 -4.08
C GLU B 153 -8.20 5.48 -4.64
N ALA B 154 -7.18 5.36 -3.79
CA ALA B 154 -5.80 5.41 -4.25
C ALA B 154 -5.39 4.32 -5.23
N VAL B 155 -5.82 3.10 -4.95
CA VAL B 155 -5.53 2.00 -5.82
C VAL B 155 -6.27 2.15 -7.15
N ARG B 156 -7.51 2.62 -7.12
CA ARG B 156 -8.25 2.95 -8.37
C ARG B 156 -7.52 3.97 -9.19
N HIS B 157 -7.04 5.01 -8.53
CA HIS B 157 -6.21 6.02 -9.20
C HIS B 157 -5.04 5.42 -9.92
N CYS B 158 -4.28 4.55 -9.25
CA CYS B 158 -3.10 3.91 -9.85
C CYS B 158 -3.52 3.05 -11.07
N HIS B 159 -4.55 2.24 -10.86
CA HIS B 159 -5.03 1.42 -11.97
C HIS B 159 -5.53 2.24 -13.16
N ASN B 160 -6.26 3.32 -12.91
CA ASN B 160 -6.62 4.24 -13.99
C ASN B 160 -5.41 4.81 -14.71
N CYS B 161 -4.30 5.04 -14.01
CA CYS B 161 -3.07 5.53 -14.63
C CYS B 161 -2.20 4.45 -15.25
N GLY B 162 -2.63 3.22 -15.18
CA GLY B 162 -1.93 2.14 -15.83
C GLY B 162 -0.90 1.50 -14.93
N VAL B 163 -1.04 1.70 -13.61
CA VAL B 163 -0.05 1.24 -12.64
C VAL B 163 -0.66 0.22 -11.65
N LEU B 164 0.00 -0.93 -11.52
CA LEU B 164 -0.29 -1.91 -10.48
C LEU B 164 0.81 -1.82 -9.37
N HIS B 165 0.38 -1.61 -8.15
CA HIS B 165 1.33 -1.43 -7.03
C HIS B 165 2.02 -2.75 -6.62
N ARG B 166 1.22 -3.81 -6.46
CA ARG B 166 1.66 -5.18 -6.14
C ARG B 166 2.29 -5.36 -4.74
N ASP B 167 2.17 -4.38 -3.88
CA ASP B 167 2.64 -4.56 -2.50
C ASP B 167 1.80 -3.74 -1.52
N ILE B 168 0.48 -3.78 -1.73
CA ILE B 168 -0.45 -3.10 -0.86
C ILE B 168 -0.38 -3.84 0.49
N LYS B 169 0.02 -3.14 1.52
CA LYS B 169 -0.01 -3.69 2.87
C LYS B 169 0.11 -2.52 3.85
N ASP B 170 -0.16 -2.77 5.13
CA ASP B 170 -0.18 -1.62 6.11
C ASP B 170 1.16 -0.89 6.18
N GLU B 171 2.27 -1.58 5.99
CA GLU B 171 3.61 -0.98 6.04
C GLU B 171 3.82 0.02 4.91
N ASN B 172 3.05 -0.12 3.84
CA ASN B 172 3.14 0.75 2.67
C ASN B 172 2.08 1.84 2.57
N ILE B 173 1.47 2.17 3.69
CA ILE B 173 0.41 3.18 3.79
C ILE B 173 0.77 4.13 4.95
N LEU B 174 0.87 5.42 4.61
CA LEU B 174 1.12 6.46 5.57
C LEU B 174 -0.16 7.14 5.93
N ILE B 175 -0.26 7.54 7.20
CA ILE B 175 -1.37 8.35 7.66
C ILE B 175 -0.90 9.77 7.94
N ASP B 176 -1.55 10.74 7.33
CA ASP B 176 -1.35 12.15 7.69
C ASP B 176 -2.27 12.44 8.82
N LEU B 177 -1.68 12.53 9.99
CA LEU B 177 -2.42 12.52 11.22
C LEU B 177 -3.30 13.76 11.45
N ASN B 178 -2.94 14.89 10.85
CA ASN B 178 -3.71 16.12 11.02
C ASN B 178 -4.86 16.17 10.05
N ARG B 179 -4.60 15.79 8.80
CA ARG B 179 -5.58 15.84 7.70
C ARG B 179 -6.51 14.60 7.59
N GLY B 180 -6.13 13.52 8.30
CA GLY B 180 -6.84 12.23 8.25
C GLY B 180 -6.78 11.54 6.90
N GLU B 181 -5.71 11.79 6.16
CA GLU B 181 -5.54 11.32 4.79
C GLU B 181 -4.50 10.22 4.74
N LEU B 182 -4.78 9.16 3.97
CA LEU B 182 -3.87 8.03 3.79
C LEU B 182 -3.11 8.17 2.47
N LYS B 183 -1.85 7.77 2.44
CA LYS B 183 -1.03 7.88 1.22
C LYS B 183 -0.30 6.60 0.97
N LEU B 184 -0.39 6.12 -0.25
CA LEU B 184 0.34 4.95 -0.68
C LEU B 184 1.82 5.24 -0.92
N ILE B 185 2.70 4.36 -0.44
CA ILE B 185 4.12 4.42 -0.76
C ILE B 185 4.66 3.13 -1.28
N ASP B 186 5.89 3.21 -1.78
CA ASP B 186 6.73 2.10 -2.22
C ASP B 186 6.26 1.29 -3.45
N PHE B 187 6.56 1.85 -4.63
CA PHE B 187 6.24 1.24 -5.88
C PHE B 187 7.38 0.39 -6.46
N GLY B 188 8.36 0.05 -5.62
CA GLY B 188 9.51 -0.71 -6.07
C GLY B 188 9.22 -2.12 -6.53
N SER B 189 8.08 -2.70 -6.16
CA SER B 189 7.67 -4.00 -6.67
C SER B 189 6.55 -3.93 -7.72
N GLY B 190 6.17 -2.73 -8.14
CA GLY B 190 5.05 -2.58 -9.01
C GLY B 190 5.38 -2.91 -10.45
N ALA B 191 4.37 -2.73 -11.31
CA ALA B 191 4.48 -2.95 -12.75
C ALA B 191 3.46 -2.14 -13.48
N LEU B 192 3.65 -2.05 -14.79
CA LEU B 192 2.59 -1.53 -15.61
C LEU B 192 1.43 -2.51 -15.52
N LEU B 193 0.23 -1.96 -15.42
CA LEU B 193 -0.95 -2.76 -15.40
C LEU B 193 -1.23 -3.35 -16.80
N LYS B 194 -1.58 -4.64 -16.85
CA LYS B 194 -1.84 -5.36 -18.11
C LYS B 194 -3.00 -6.35 -17.84
N ASP B 195 -3.60 -6.88 -18.91
CA ASP B 195 -4.76 -7.81 -18.81
C ASP B 195 -4.38 -9.28 -18.96
N THR B 196 -3.12 -9.51 -19.27
CA THR B 196 -2.53 -10.83 -19.35
C THR B 196 -1.91 -11.21 -18.01
N VAL B 197 -1.39 -12.43 -17.95
CA VAL B 197 -0.97 -13.05 -16.72
C VAL B 197 0.38 -12.51 -16.28
N TYR B 198 0.58 -12.37 -14.97
CA TYR B 198 1.87 -12.07 -14.38
C TYR B 198 2.45 -13.37 -13.84
N THR B 199 3.73 -13.59 -14.07
CA THR B 199 4.41 -14.79 -13.63
C THR B 199 5.63 -14.42 -12.81
N ASP B 200 5.76 -13.14 -12.49
CA ASP B 200 6.77 -12.66 -11.59
C ASP B 200 6.08 -11.95 -10.41
N PHE B 201 6.73 -11.97 -9.26
CA PHE B 201 6.24 -11.30 -8.05
C PHE B 201 7.34 -11.08 -6.99
N ASP B 202 7.58 -9.84 -6.55
CA ASP B 202 8.53 -9.55 -5.46
C ASP B 202 7.87 -8.70 -4.36
N GLY B 203 6.54 -8.78 -4.26
CA GLY B 203 5.87 -8.16 -3.13
C GLY B 203 5.96 -8.99 -1.86
N THR B 204 5.00 -8.79 -0.96
CA THR B 204 5.04 -9.42 0.34
C THR B 204 4.25 -10.72 0.28
N ARG B 205 4.89 -11.85 0.57
CA ARG B 205 4.22 -13.15 0.41
C ARG B 205 2.91 -13.36 1.20
N VAL B 206 2.85 -12.92 2.44
CA VAL B 206 1.64 -13.11 3.25
C VAL B 206 0.47 -12.28 2.73
N TYR B 207 0.72 -11.35 1.78
CA TYR B 207 -0.39 -10.59 1.15
C TYR B 207 -0.67 -11.09 -0.28
N SER B 208 0.08 -12.12 -0.69
CA SER B 208 0.04 -12.67 -2.05
C SER B 208 -1.06 -13.75 -2.13
N PRO B 209 -1.75 -13.84 -3.27
CA PRO B 209 -2.94 -14.67 -3.35
C PRO B 209 -2.60 -16.15 -3.61
N PRO B 210 -3.57 -17.03 -3.37
CA PRO B 210 -3.37 -18.48 -3.44
C PRO B 210 -2.88 -18.90 -4.82
N GLU B 211 -3.39 -18.27 -5.87
CA GLU B 211 -2.97 -18.60 -7.22
C GLU B 211 -1.48 -18.31 -7.46
N TRP B 212 -0.92 -17.34 -6.75
CA TRP B 212 0.51 -17.12 -6.89
C TRP B 212 1.26 -18.24 -6.15
N ILE B 213 0.82 -18.52 -4.94
CA ILE B 213 1.45 -19.55 -4.10
C ILE B 213 1.42 -20.90 -4.85
N ARG B 214 0.28 -21.30 -5.39
CA ARG B 214 0.17 -22.60 -6.07
C ARG B 214 0.66 -22.66 -7.47
N TYR B 215 0.56 -21.57 -8.24
CA TYR B 215 0.81 -21.65 -9.69
C TYR B 215 1.85 -20.70 -10.25
N HIS B 216 2.35 -19.83 -9.39
CA HIS B 216 3.18 -18.73 -9.86
C HIS B 216 2.53 -17.97 -11.01
N ARG B 217 1.23 -17.76 -10.93
CA ARG B 217 0.46 -17.03 -11.93
C ARG B 217 -0.66 -16.20 -11.31
N TYR B 218 -0.81 -14.93 -11.69
CA TYR B 218 -1.94 -14.14 -11.19
C TYR B 218 -2.25 -13.04 -12.18
N HIS B 219 -3.46 -12.49 -12.09
CA HIS B 219 -3.87 -11.32 -12.84
C HIS B 219 -3.93 -10.16 -11.88
N GLY B 220 -3.75 -8.95 -12.43
CA GLY B 220 -3.40 -7.78 -11.59
C GLY B 220 -4.49 -7.39 -10.63
N ARG B 221 -5.68 -7.17 -11.16
CA ARG B 221 -6.74 -6.67 -10.34
C ARG B 221 -7.25 -7.61 -9.29
N SER B 222 -7.38 -8.88 -9.67
CA SER B 222 -7.85 -9.87 -8.73
C SER B 222 -6.83 -10.14 -7.62
N ALA B 223 -5.55 -10.06 -7.94
CA ALA B 223 -4.52 -10.16 -6.91
C ALA B 223 -4.53 -8.93 -5.96
N ALA B 224 -4.78 -7.74 -6.53
CA ALA B 224 -4.91 -6.53 -5.74
C ALA B 224 -6.07 -6.64 -4.74
N VAL B 225 -7.20 -7.16 -5.21
CA VAL B 225 -8.37 -7.31 -4.35
C VAL B 225 -8.10 -8.27 -3.20
N TRP B 226 -7.40 -9.35 -3.49
CA TRP B 226 -6.98 -10.29 -2.41
C TRP B 226 -6.17 -9.54 -1.34
N SER B 227 -5.19 -8.76 -1.78
CA SER B 227 -4.31 -7.98 -0.85
C SER B 227 -5.09 -6.96 0.01
N LEU B 228 -6.15 -6.41 -0.58
CA LEU B 228 -7.11 -5.57 0.07
C LEU B 228 -7.93 -6.29 1.12
N GLY B 229 -8.33 -7.55 0.86
CA GLY B 229 -8.94 -8.39 1.86
C GLY B 229 -8.04 -8.61 3.06
N ILE B 230 -6.78 -8.93 2.81
CA ILE B 230 -5.76 -9.11 3.87
C ILE B 230 -5.61 -7.85 4.71
N LEU B 231 -5.54 -6.71 4.02
CA LEU B 231 -5.44 -5.40 4.64
C LEU B 231 -6.65 -5.03 5.53
N LEU B 232 -7.85 -5.34 5.03
CA LEU B 232 -9.06 -5.01 5.74
C LEU B 232 -9.12 -5.85 7.01
N TYR B 233 -8.82 -7.14 6.88
CA TYR B 233 -8.78 -8.05 8.03
C TYR B 233 -7.78 -7.47 9.05
N ASP B 234 -6.59 -7.13 8.58
CA ASP B 234 -5.52 -6.55 9.43
C ASP B 234 -6.01 -5.38 10.25
N MET B 235 -6.79 -4.50 9.62
CA MET B 235 -7.34 -3.34 10.28
C MET B 235 -8.39 -3.69 11.31
N VAL B 236 -9.32 -4.61 11.03
CA VAL B 236 -10.40 -4.85 11.98
C VAL B 236 -10.06 -5.93 13.00
N CYS B 237 -9.02 -6.70 12.73
CA CYS B 237 -8.61 -7.73 13.67
C CYS B 237 -7.29 -7.40 14.37
N GLY B 238 -6.52 -6.44 13.87
CA GLY B 238 -5.28 -6.08 14.50
C GLY B 238 -4.07 -6.84 14.04
N ASP B 239 -4.23 -7.87 13.18
CA ASP B 239 -3.13 -8.50 12.47
C ASP B 239 -3.64 -9.27 11.25
N ILE B 240 -2.75 -9.72 10.38
CA ILE B 240 -3.12 -10.39 9.15
C ILE B 240 -3.64 -11.83 9.41
N PRO B 241 -4.50 -12.32 8.50
CA PRO B 241 -5.11 -13.59 8.82
C PRO B 241 -4.20 -14.80 8.65
N PHE B 242 -3.20 -14.73 7.76
CA PHE B 242 -2.47 -15.91 7.31
C PHE B 242 -1.01 -15.65 7.47
N GLU B 243 -0.28 -16.64 7.97
CA GLU B 243 1.19 -16.55 8.04
C GLU B 243 1.83 -17.59 7.16
N HIS B 244 1.18 -18.69 6.93
CA HIS B 244 1.85 -19.79 6.21
C HIS B 244 1.20 -20.08 4.87
N ASP B 245 2.01 -20.57 3.93
CA ASP B 245 1.49 -20.97 2.60
C ASP B 245 0.22 -21.80 2.67
N GLU B 246 0.21 -22.75 3.59
CA GLU B 246 -0.91 -23.64 3.77
C GLU B 246 -2.19 -22.93 4.18
N GLU B 247 -2.09 -21.91 5.02
CA GLU B 247 -3.27 -21.08 5.41
C GLU B 247 -3.79 -20.24 4.24
N ILE B 248 -2.86 -19.69 3.48
CA ILE B 248 -3.20 -18.86 2.29
C ILE B 248 -4.04 -19.67 1.32
N ILE B 249 -3.58 -20.88 1.01
CA ILE B 249 -4.29 -21.68 0.00
C ILE B 249 -5.52 -22.37 0.59
N GLY B 250 -5.57 -22.52 1.90
CA GLY B 250 -6.71 -23.15 2.53
C GLY B 250 -7.92 -22.24 2.51
N GLY B 251 -7.65 -20.94 2.60
CA GLY B 251 -8.68 -19.87 2.57
C GLY B 251 -9.81 -20.04 3.58
N GLN B 252 -9.44 -20.40 4.80
CA GLN B 252 -10.38 -20.45 5.90
C GLN B 252 -10.12 -19.16 6.64
N VAL B 253 -11.11 -18.29 6.69
CA VAL B 253 -10.95 -17.09 7.44
C VAL B 253 -11.55 -17.23 8.83
N PHE B 254 -10.70 -17.13 9.84
CA PHE B 254 -11.12 -17.14 11.24
C PHE B 254 -11.00 -15.73 11.79
N PHE B 255 -12.08 -15.22 12.36
CA PHE B 255 -12.09 -13.90 12.98
C PHE B 255 -11.74 -13.95 14.44
N ARG B 256 -10.67 -13.29 14.80
CA ARG B 256 -10.17 -13.30 16.17
C ARG B 256 -10.75 -12.19 17.07
N GLN B 257 -11.36 -11.20 16.45
CA GLN B 257 -12.04 -10.12 17.11
C GLN B 257 -13.49 -10.09 16.65
N ARG B 258 -14.31 -9.41 17.44
CA ARG B 258 -15.69 -9.17 17.09
C ARG B 258 -15.67 -8.23 15.88
N VAL B 259 -16.20 -8.69 14.76
CA VAL B 259 -16.34 -7.91 13.53
C VAL B 259 -17.76 -8.10 13.06
N SER B 260 -18.41 -7.04 12.57
CA SER B 260 -19.79 -7.13 12.11
C SER B 260 -19.96 -8.17 11.00
N SER B 261 -21.17 -8.71 10.86
CA SER B 261 -21.48 -9.66 9.79
C SER B 261 -21.21 -9.09 8.39
N GLU B 262 -21.51 -7.82 8.20
CA GLU B 262 -21.34 -7.16 6.91
C GLU B 262 -19.85 -7.03 6.58
N CYS B 263 -19.04 -6.65 7.56
CA CYS B 263 -17.60 -6.56 7.37
C CYS B 263 -16.97 -7.95 7.10
N GLN B 264 -17.35 -8.97 7.89
CA GLN B 264 -16.92 -10.34 7.60
C GLN B 264 -17.26 -10.77 6.18
N HIS B 265 -18.46 -10.45 5.71
CA HIS B 265 -18.88 -10.81 4.38
C HIS B 265 -17.96 -10.18 3.33
N LEU B 266 -17.65 -8.89 3.49
CA LEU B 266 -16.78 -8.23 2.51
C LEU B 266 -15.40 -8.85 2.48
N ILE B 267 -14.81 -9.08 3.65
CA ILE B 267 -13.50 -9.66 3.74
C ILE B 267 -13.50 -11.04 3.09
N ARG B 268 -14.50 -11.85 3.43
CA ARG B 268 -14.55 -13.21 2.89
C ARG B 268 -14.69 -13.19 1.36
N TRP B 269 -15.35 -12.17 0.83
CA TRP B 269 -15.52 -12.04 -0.60
C TRP B 269 -14.22 -11.66 -1.26
N CYS B 270 -13.49 -10.69 -0.69
CA CYS B 270 -12.16 -10.34 -1.20
C CYS B 270 -11.18 -11.49 -1.19
N LEU B 271 -11.34 -12.34 -0.20
CA LEU B 271 -10.48 -13.51 -0.02
C LEU B 271 -11.05 -14.82 -0.63
N ALA B 272 -11.90 -14.74 -1.66
CA ALA B 272 -12.34 -15.94 -2.35
C ALA B 272 -11.14 -16.63 -2.98
N LEU B 273 -11.06 -17.95 -2.82
CA LEU B 273 -9.96 -18.74 -3.40
C LEU B 273 -9.87 -18.59 -4.91
N ARG B 274 -11.01 -18.62 -5.59
CA ARG B 274 -11.00 -18.45 -7.03
C ARG B 274 -10.97 -16.97 -7.37
N PRO B 275 -9.99 -16.53 -8.16
CA PRO B 275 -9.89 -15.10 -8.52
C PRO B 275 -11.16 -14.49 -9.08
N SER B 276 -11.85 -15.22 -9.95
CA SER B 276 -13.10 -14.74 -10.57
C SER B 276 -14.26 -14.62 -9.57
N ASP B 277 -14.15 -15.24 -8.42
CA ASP B 277 -15.15 -15.04 -7.41
C ASP B 277 -14.94 -13.79 -6.55
N ARG B 278 -13.82 -13.09 -6.70
CA ARG B 278 -13.55 -11.87 -5.93
C ARG B 278 -14.32 -10.69 -6.49
N PRO B 279 -14.64 -9.70 -5.62
CA PRO B 279 -15.38 -8.52 -6.14
C PRO B 279 -14.49 -7.65 -6.98
N THR B 280 -15.11 -6.87 -7.85
CA THR B 280 -14.41 -5.81 -8.58
C THR B 280 -14.33 -4.61 -7.59
N PHE B 281 -13.55 -3.58 -7.91
CA PHE B 281 -13.51 -2.38 -7.07
C PHE B 281 -14.86 -1.74 -6.89
N GLU B 282 -15.66 -1.68 -7.95
CA GLU B 282 -17.04 -1.18 -7.87
C GLU B 282 -17.91 -1.93 -6.90
N GLU B 283 -17.81 -3.26 -6.93
CA GLU B 283 -18.57 -4.10 -6.00
C GLU B 283 -18.13 -3.87 -4.56
N ILE B 284 -16.84 -3.66 -4.36
CA ILE B 284 -16.33 -3.34 -3.00
C ILE B 284 -16.95 -2.04 -2.53
N GLN B 285 -16.83 -1.01 -3.33
CA GLN B 285 -17.29 0.31 -2.92
C GLN B 285 -18.79 0.43 -2.79
N ASN B 286 -19.53 -0.46 -3.47
CA ASN B 286 -20.97 -0.53 -3.37
C ASN B 286 -21.43 -1.50 -2.30
N HIS B 287 -20.50 -2.20 -1.67
CA HIS B 287 -20.88 -3.13 -0.62
C HIS B 287 -21.59 -2.39 0.54
N PRO B 288 -22.59 -3.01 1.14
CA PRO B 288 -23.22 -2.29 2.25
C PRO B 288 -22.33 -1.86 3.46
N TRP B 289 -21.28 -2.62 3.78
CA TRP B 289 -20.35 -2.19 4.82
C TRP B 289 -19.65 -0.84 4.49
N MET B 290 -19.55 -0.53 3.22
CA MET B 290 -18.80 0.62 2.77
C MET B 290 -19.62 1.90 2.65
N GLN B 291 -20.89 1.89 3.07
CA GLN B 291 -21.71 3.08 2.90
C GLN B 291 -21.44 4.05 4.06
N ASP B 292 -21.70 5.35 3.82
CA ASP B 292 -21.64 6.39 4.87
C ASP B 292 -20.27 6.62 5.43
N VAL B 293 -19.30 6.66 4.53
CA VAL B 293 -17.92 6.83 4.94
C VAL B 293 -17.75 8.25 5.48
N LEU B 294 -16.95 8.42 6.53
CA LEU B 294 -16.52 9.72 6.99
C LEU B 294 -15.57 10.40 6.00
N LEU B 295 -15.58 11.73 6.01
CA LEU B 295 -14.62 12.53 5.30
C LEU B 295 -13.31 12.44 6.05
N PRO B 296 -12.19 12.63 5.36
CA PRO B 296 -10.91 12.58 6.08
C PRO B 296 -10.78 13.57 7.29
N GLN B 297 -11.25 14.81 7.14
CA GLN B 297 -11.24 15.76 8.29
C GLN B 297 -12.07 15.26 9.49
N GLU B 298 -13.27 14.70 9.25
CA GLU B 298 -14.07 14.11 10.31
C GLU B 298 -13.30 12.95 10.97
N THR B 299 -12.63 12.14 10.16
CA THR B 299 -11.91 10.98 10.66
C THR B 299 -10.78 11.45 11.57
N ALA B 300 -10.06 12.50 11.14
CA ALA B 300 -8.96 13.02 11.98
C ALA B 300 -9.56 13.57 13.31
N GLU B 301 -10.64 14.33 13.23
CA GLU B 301 -11.23 14.95 14.43
C GLU B 301 -11.72 13.90 15.43
N ILE B 302 -12.51 12.94 14.98
CA ILE B 302 -13.03 11.90 15.85
C ILE B 302 -11.97 10.92 16.30
N HIS B 303 -11.05 10.53 15.42
CA HIS B 303 -10.18 9.37 15.70
C HIS B 303 -8.71 9.63 15.85
N LEU B 304 -8.22 10.72 15.29
CA LEU B 304 -6.77 10.95 15.29
C LEU B 304 -6.37 12.11 16.23
N HIS B 305 -7.18 13.18 16.30
CA HIS B 305 -6.84 14.33 17.15
C HIS B 305 -7.20 14.00 18.58
CAJ IYZ C . 11.02 4.50 5.65
CAK IYZ C . 10.85 3.61 6.88
CAV IYZ C . 9.64 4.36 6.31
CAL IYZ C . 8.68 3.46 5.53
NAO IYZ C . 9.45 2.85 4.43
CAS IYZ C . 9.37 3.30 3.21
CAF IYZ C . 9.61 2.42 2.18
CAG IYZ C . 9.50 2.90 0.89
NAN IYZ C . 9.04 4.59 3.01
NAW IYZ C . 8.95 5.03 1.87
CAU IYZ C . 9.18 4.21 0.74
NAM IYZ C . 9.01 4.95 -0.33
CAH IYZ C . 8.67 6.18 0.02
CAT IYZ C . 8.66 6.25 1.35
CAR IYZ C . 8.32 7.36 2.09
CAI IYZ C . 8.33 7.36 3.48
CAE IYZ C . 7.88 8.47 1.38
CAC IYZ C . 7.47 9.63 2.04
CAD IYZ C . 7.51 9.64 3.41
CAQ IYZ C . 7.95 8.51 4.11
CAP IYZ C . 7.95 8.63 5.60
CAA IYZ C . 8.06 7.42 6.52
OAB IYZ C . 7.82 9.76 6.05
#